data_7LFD
#
_entry.id   7LFD
#
_cell.length_a   129.947
_cell.length_b   129.947
_cell.length_c   90.817
_cell.angle_alpha   90.000
_cell.angle_beta   90.000
_cell.angle_gamma   120.000
#
_symmetry.space_group_name_H-M   'P 31 2 1'
#
loop_
_entity.id
_entity.type
_entity.pdbx_description
1 polymer 'Apolipoprotein L1 BH3 like peptide'
2 polymer 'Fab 7D6 heavy chain'
3 polymer 'Fab 7D6 light chain'
4 non-polymer 'CITRATE ANION'
5 non-polymer ETHANOL
6 non-polymer GLYCEROL
7 non-polymer 'AMMONIUM ION'
8 water water
#
loop_
_entity_poly.entity_id
_entity_poly.type
_entity_poly.pdbx_seq_one_letter_code
_entity_poly.pdbx_strand_id
1 'polypeptide(L)' EDNIRRLRALADGVQKV A
2 'polypeptide(L)'
;QIQLVQSGPDLKKPGETVKISCRTSGYAFTNYGVNWVKQAPGKGLKWMGWINTNTGQTTYAEEFRGRFAISLETSASTAF
LTISNLKNEDSATYFCARLIYDGDYISSDFWGQGTTLTVSSASTKGPSVFPLAPSSKSTSGGTAALGCLVKDYFPEPVTV
SWNSGALTSGVHTFPAVLQSSGLYSLSSVVTVPSSSLGTQTYICNVNHKPSNTKVDKKVEPKSCD
;
H
3 'polypeptide(L)'
;DIQMTQSPDSLSASVGETVTITCGASENIYGALNWYQRKQGKSPQLLIYGATNLADGMSSRFSGSRSGRQYSLKISSLHP
DDVATYYCQNALSMPYTFGGGTNLETKRTVAAPSVFIFPPSDEQLKSGTASVVCLLNNFYPREAKVQWKVDNALQSGNSQ
ESVTEQDSKDSTYSLSSTLTLSKADYEKHKVYACEVTHQGLSSPVTKSFNRGEC
;
L
#
# COMPACT_ATOMS: atom_id res chain seq x y z
N GLU A 1 -8.20 31.90 -19.82
CA GLU A 1 -6.94 31.44 -19.24
C GLU A 1 -6.31 30.31 -20.05
N ASP A 2 -7.08 29.78 -21.01
CA ASP A 2 -6.55 28.76 -21.91
C ASP A 2 -5.33 29.30 -22.66
N ASN A 3 -5.28 30.62 -22.79
CA ASN A 3 -4.17 31.32 -23.39
C ASN A 3 -2.83 30.97 -22.73
N ILE A 4 -2.74 31.23 -21.44
CA ILE A 4 -1.54 30.93 -20.67
C ILE A 4 -1.25 29.42 -20.59
N ARG A 5 -2.29 28.63 -20.35
CA ARG A 5 -2.11 27.19 -20.25
C ARG A 5 -1.46 26.64 -21.52
N ARG A 6 -1.95 27.08 -22.68
CA ARG A 6 -1.45 26.58 -23.95
C ARG A 6 -0.02 27.03 -24.21
N LEU A 7 0.32 28.24 -23.75
CA LEU A 7 1.67 28.77 -23.87
C LEU A 7 2.64 27.97 -23.01
N ARG A 8 2.26 27.78 -21.75
CA ARG A 8 3.10 26.98 -20.84
C ARG A 8 3.36 25.57 -21.37
N ALA A 9 2.33 24.95 -21.92
CA ALA A 9 2.46 23.60 -22.48
C ALA A 9 3.38 23.64 -23.68
N LEU A 10 3.19 24.64 -24.52
CA LEU A 10 4.05 24.85 -25.68
C LEU A 10 5.51 24.99 -25.24
N ALA A 11 5.72 25.84 -24.24
CA ALA A 11 7.05 26.12 -23.73
C ALA A 11 7.77 24.88 -23.22
N ASP A 12 6.99 23.93 -22.71
CA ASP A 12 7.54 22.72 -22.12
C ASP A 12 7.75 21.57 -23.12
N GLY A 13 7.15 21.68 -24.31
CA GLY A 13 7.33 20.66 -25.34
C GLY A 13 6.38 19.47 -25.21
N VAL A 14 5.34 19.65 -24.42
CA VAL A 14 4.34 18.62 -24.17
C VAL A 14 3.64 18.14 -25.44
N GLN A 15 3.43 16.83 -25.55
CA GLN A 15 2.75 16.29 -26.72
C GLN A 15 1.24 16.46 -26.65
N LYS A 16 0.68 17.16 -27.63
CA LYS A 16 -0.77 17.37 -27.71
C LYS A 16 -1.42 16.28 -28.55
N VAL A 17 -2.51 15.71 -28.04
CA VAL A 17 -3.22 14.69 -28.80
C VAL A 17 -4.52 15.26 -29.37
N GLN B 1 -6.96 -2.71 -24.23
CA GLN B 1 -6.88 -2.02 -22.94
C GLN B 1 -5.53 -1.31 -22.77
N ILE B 2 -5.58 -0.07 -22.28
CA ILE B 2 -4.35 0.66 -21.97
C ILE B 2 -3.67 0.08 -20.76
N GLN B 3 -2.38 -0.26 -20.90
CA GLN B 3 -1.63 -0.80 -19.79
C GLN B 3 -0.20 -0.29 -19.79
N LEU B 4 0.29 -0.03 -18.58
CA LEU B 4 1.70 0.27 -18.37
C LEU B 4 2.20 -0.76 -17.37
N VAL B 5 3.08 -1.64 -17.83
CA VAL B 5 3.57 -2.69 -16.96
C VAL B 5 5.04 -2.45 -16.68
N GLN B 6 5.36 -2.25 -15.41
CA GLN B 6 6.73 -1.99 -14.99
C GLN B 6 7.47 -3.28 -14.63
N SER B 7 8.80 -3.22 -14.70
CA SER B 7 9.66 -4.31 -14.28
C SER B 7 9.54 -4.53 -12.77
N GLY B 8 9.97 -5.71 -12.31
CA GLY B 8 9.75 -6.10 -10.93
C GLY B 8 10.63 -5.38 -9.93
N PRO B 9 10.43 -5.68 -8.64
CA PRO B 9 11.21 -5.06 -7.58
C PRO B 9 12.68 -5.47 -7.63
N ASP B 10 13.55 -4.66 -7.05
CA ASP B 10 14.98 -4.92 -7.13
C ASP B 10 15.71 -4.44 -5.89
N LEU B 11 16.79 -5.13 -5.56
CA LEU B 11 17.68 -4.75 -4.47
C LEU B 11 19.04 -4.40 -5.06
N LYS B 12 19.54 -3.22 -4.75
CA LYS B 12 20.82 -2.79 -5.28
C LYS B 12 21.74 -2.30 -4.17
N LYS B 13 23.03 -2.38 -4.41
CA LYS B 13 24.01 -1.85 -3.49
C LYS B 13 24.24 -0.39 -3.84
N PRO B 14 24.64 0.42 -2.84
CA PRO B 14 24.97 1.82 -3.10
C PRO B 14 26.04 1.93 -4.20
N GLY B 15 25.97 2.98 -5.02
CA GLY B 15 26.93 3.21 -6.07
C GLY B 15 26.64 2.44 -7.35
N GLU B 16 25.67 1.54 -7.30
CA GLU B 16 25.33 0.76 -8.49
C GLU B 16 24.29 1.48 -9.34
N THR B 17 23.92 0.86 -10.44
CA THR B 17 22.97 1.44 -11.39
C THR B 17 21.76 0.54 -11.55
N VAL B 18 20.58 1.13 -11.63
CA VAL B 18 19.39 0.34 -11.89
C VAL B 18 18.61 0.91 -13.06
N LYS B 19 18.03 0.04 -13.87
CA LYS B 19 17.20 0.44 -14.99
C LYS B 19 15.80 -0.14 -14.80
N ILE B 20 14.84 0.76 -14.60
CA ILE B 20 13.45 0.36 -14.43
C ILE B 20 12.71 0.56 -15.75
N SER B 21 11.92 -0.44 -16.15
CA SER B 21 11.25 -0.36 -17.44
C SER B 21 9.74 -0.18 -17.28
N CYS B 22 9.15 0.43 -18.28
CA CYS B 22 7.72 0.67 -18.31
C CYS B 22 7.21 0.24 -19.67
N ARG B 23 6.63 -0.94 -19.76
CA ARG B 23 6.18 -1.48 -21.04
C ARG B 23 4.72 -1.09 -21.26
N THR B 24 4.47 -0.28 -22.28
CA THR B 24 3.11 0.20 -22.49
C THR B 24 2.41 -0.53 -23.63
N SER B 25 1.08 -0.52 -23.60
CA SER B 25 0.30 -1.13 -24.66
C SER B 25 -1.12 -0.56 -24.70
N GLY B 26 -1.80 -0.76 -25.82
CA GLY B 26 -3.19 -0.37 -25.93
C GLY B 26 -3.41 1.03 -26.45
N TYR B 27 -2.32 1.71 -26.82
CA TYR B 27 -2.43 3.04 -27.41
C TYR B 27 -1.20 3.40 -28.25
N ALA B 28 -1.30 4.50 -29.01
CA ALA B 28 -0.18 4.95 -29.83
C ALA B 28 0.90 5.58 -28.95
N PHE B 29 1.89 4.78 -28.61
CA PHE B 29 2.96 5.16 -27.69
C PHE B 29 3.54 6.56 -27.90
N THR B 30 3.76 6.94 -29.15
CA THR B 30 4.49 8.18 -29.46
C THR B 30 3.57 9.40 -29.56
N ASN B 31 2.29 9.24 -29.23
CA ASN B 31 1.38 10.38 -29.16
C ASN B 31 1.22 10.91 -27.76
N TYR B 32 1.77 10.19 -26.78
CA TYR B 32 1.64 10.56 -25.38
C TYR B 32 2.98 10.59 -24.66
N GLY B 33 3.13 11.54 -23.75
CA GLY B 33 4.35 11.61 -22.96
C GLY B 33 4.40 10.47 -21.97
N VAL B 34 5.54 10.32 -21.32
CA VAL B 34 5.66 9.44 -20.16
C VAL B 34 6.36 10.22 -19.06
N ASN B 35 5.80 10.21 -17.85
CA ASN B 35 6.54 10.83 -16.75
C ASN B 35 6.63 9.91 -15.53
N TRP B 36 7.62 10.16 -14.68
CA TRP B 36 7.96 9.26 -13.57
C TRP B 36 7.75 9.93 -12.24
N VAL B 37 7.23 9.18 -11.28
CA VAL B 37 6.91 9.67 -9.96
C VAL B 37 7.55 8.77 -8.90
N LYS B 38 8.17 9.39 -7.92
CA LYS B 38 8.81 8.68 -6.85
C LYS B 38 7.98 8.74 -5.59
N GLN B 39 7.83 7.61 -4.91
CA GLN B 39 7.25 7.63 -3.58
C GLN B 39 8.11 6.87 -2.58
N ALA B 40 8.83 7.61 -1.74
CA ALA B 40 9.62 7.01 -0.68
C ALA B 40 8.67 6.58 0.43
N PRO B 41 9.07 5.60 1.25
CA PRO B 41 8.20 5.09 2.30
C PRO B 41 7.81 6.18 3.29
N GLY B 42 6.52 6.27 3.60
CA GLY B 42 6.03 7.26 4.54
C GLY B 42 6.19 8.69 4.05
N LYS B 43 6.32 8.85 2.74
CA LYS B 43 6.34 10.18 2.14
C LYS B 43 5.35 10.25 0.97
N GLY B 44 5.11 11.47 0.48
CA GLY B 44 4.13 11.65 -0.57
C GLY B 44 4.67 11.30 -1.95
N LEU B 45 3.93 11.71 -2.97
CA LEU B 45 4.36 11.58 -4.35
C LEU B 45 5.33 12.70 -4.70
N LYS B 46 6.39 12.37 -5.42
CA LYS B 46 7.35 13.37 -5.85
C LYS B 46 7.53 13.23 -7.37
N TRP B 47 7.23 14.29 -8.11
CA TRP B 47 7.34 14.26 -9.57
C TRP B 47 8.81 14.27 -9.93
N MET B 48 9.25 13.35 -10.78
CA MET B 48 10.67 13.24 -11.09
C MET B 48 11.04 13.83 -12.45
N GLY B 49 10.30 13.50 -13.48
CA GLY B 49 10.65 13.96 -14.81
C GLY B 49 9.76 13.43 -15.91
N TRP B 50 10.01 13.89 -17.12
CA TRP B 50 9.17 13.59 -18.26
C TRP B 50 10.01 13.38 -19.51
N ILE B 51 9.53 12.54 -20.43
CA ILE B 51 10.14 12.43 -21.74
C ILE B 51 9.06 12.56 -22.82
N ASN B 52 9.40 13.29 -23.88
CA ASN B 52 8.58 13.36 -25.07
C ASN B 52 8.83 12.10 -25.90
N THR B 53 7.82 11.25 -26.04
CA THR B 53 7.99 9.95 -26.69
C THR B 53 8.13 10.11 -28.20
N ASN B 54 8.00 11.33 -28.68
CA ASN B 54 8.11 11.62 -30.10
C ASN B 54 9.48 12.22 -30.41
N THR B 55 9.86 13.25 -29.67
CA THR B 55 11.08 14.00 -29.95
C THR B 55 12.25 13.53 -29.11
N GLY B 56 11.96 12.86 -28.01
CA GLY B 56 13.00 12.41 -27.10
C GLY B 56 13.45 13.46 -26.09
N GLN B 57 12.91 14.67 -26.21
CA GLN B 57 13.17 15.71 -25.21
C GLN B 57 12.83 15.23 -23.80
N THR B 58 13.69 15.54 -22.84
CA THR B 58 13.45 15.21 -21.43
C THR B 58 13.49 16.44 -20.55
N THR B 59 12.83 16.37 -19.40
CA THR B 59 12.86 17.43 -18.40
C THR B 59 12.76 16.79 -17.01
N TYR B 60 13.60 17.23 -16.09
CA TYR B 60 13.63 16.69 -14.73
C TYR B 60 13.39 17.76 -13.66
N ALA B 61 12.77 17.36 -12.56
CA ALA B 61 12.78 18.19 -11.36
C ALA B 61 14.22 18.38 -10.92
N GLU B 62 14.51 19.52 -10.27
CA GLU B 62 15.87 19.85 -9.83
C GLU B 62 16.56 18.72 -9.08
N GLU B 63 15.82 18.10 -8.15
CA GLU B 63 16.39 17.07 -7.29
C GLU B 63 16.94 15.87 -8.08
N PHE B 64 16.38 15.62 -9.26
CA PHE B 64 16.72 14.42 -10.02
C PHE B 64 17.52 14.64 -11.29
N ARG B 65 18.12 15.81 -11.43
CA ARG B 65 18.74 16.16 -12.71
C ARG B 65 20.05 15.41 -12.94
N GLY B 66 20.74 15.07 -11.86
CA GLY B 66 22.08 14.49 -11.98
C GLY B 66 22.19 13.00 -12.32
N ARG B 67 21.64 12.15 -11.47
CA ARG B 67 21.85 10.70 -11.56
C ARG B 67 20.74 9.95 -12.26
N PHE B 68 19.79 10.70 -12.83
CA PHE B 68 18.56 10.11 -13.34
C PHE B 68 18.39 10.36 -14.83
N ALA B 69 18.05 9.30 -15.56
CA ALA B 69 17.87 9.40 -17.00
C ALA B 69 16.65 8.63 -17.48
N ILE B 70 15.77 9.35 -18.17
CA ILE B 70 14.63 8.73 -18.85
C ILE B 70 14.97 8.50 -20.31
N SER B 71 14.72 7.29 -20.79
CA SER B 71 15.04 6.92 -22.17
C SER B 71 13.94 6.07 -22.77
N LEU B 72 14.08 5.75 -24.05
CA LEU B 72 13.04 5.05 -24.79
C LEU B 72 13.57 3.84 -25.56
N GLU B 73 12.69 2.89 -25.78
CA GLU B 73 12.84 1.91 -26.84
C GLU B 73 11.52 1.95 -27.59
N THR B 74 11.47 2.81 -28.60
CA THR B 74 10.22 3.15 -29.28
C THR B 74 9.58 1.95 -29.96
N SER B 75 10.40 1.12 -30.59
CA SER B 75 9.92 -0.06 -31.29
C SER B 75 9.17 -1.01 -30.35
N ALA B 76 9.47 -0.92 -29.07
CA ALA B 76 8.85 -1.79 -28.07
C ALA B 76 7.85 -1.04 -27.17
N SER B 77 7.49 0.17 -27.57
CA SER B 77 6.61 1.05 -26.79
C SER B 77 6.99 1.08 -25.31
N THR B 78 8.29 1.15 -25.03
CA THR B 78 8.78 1.07 -23.66
C THR B 78 9.57 2.30 -23.28
N ALA B 79 9.43 2.73 -22.02
CA ALA B 79 10.24 3.81 -21.49
C ALA B 79 11.04 3.29 -20.31
N PHE B 80 12.21 3.87 -20.08
CA PHE B 80 13.07 3.44 -18.99
C PHE B 80 13.43 4.56 -18.05
N LEU B 81 13.53 4.23 -16.78
CA LEU B 81 14.16 5.11 -15.80
C LEU B 81 15.46 4.47 -15.36
N THR B 82 16.55 5.17 -15.58
CA THR B 82 17.87 4.70 -15.17
C THR B 82 18.40 5.58 -14.05
N ILE B 83 18.77 4.95 -12.94
CA ILE B 83 19.33 5.71 -11.82
C ILE B 83 20.77 5.27 -11.58
N SER B 84 21.69 6.23 -11.68
CA SER B 84 23.12 5.95 -11.54
C SER B 84 23.59 6.25 -10.12
N ASN B 85 24.72 5.65 -9.75
CA ASN B 85 25.37 5.92 -8.48
C ASN B 85 24.36 5.92 -7.33
N LEU B 86 23.68 4.79 -7.15
CA LEU B 86 22.55 4.72 -6.24
C LEU B 86 22.91 5.06 -4.80
N LYS B 87 21.99 5.74 -4.13
CA LYS B 87 22.17 6.10 -2.74
C LYS B 87 21.05 5.48 -1.94
N ASN B 88 21.19 5.44 -0.62
CA ASN B 88 20.19 4.81 0.24
C ASN B 88 18.86 5.53 0.14
N GLU B 89 18.94 6.83 -0.13
CA GLU B 89 17.76 7.71 -0.26
C GLU B 89 16.92 7.39 -1.50
N ASP B 90 17.49 6.66 -2.45
CA ASP B 90 16.77 6.26 -3.66
C ASP B 90 15.81 5.07 -3.41
N SER B 91 15.85 4.49 -2.20
CA SER B 91 14.91 3.40 -1.89
C SER B 91 13.51 3.96 -1.90
N ALA B 92 12.67 3.42 -2.77
CA ALA B 92 11.35 3.99 -2.97
C ALA B 92 10.60 3.16 -3.97
N THR B 93 9.32 3.47 -4.13
CA THR B 93 8.54 2.88 -5.20
C THR B 93 8.46 3.92 -6.31
N TYR B 94 8.78 3.53 -7.53
CA TYR B 94 8.75 4.42 -8.69
C TYR B 94 7.59 4.06 -9.61
N PHE B 95 6.82 5.06 -10.01
CA PHE B 95 5.73 4.85 -10.96
C PHE B 95 6.07 5.54 -12.27
N CYS B 96 5.70 4.92 -13.39
CA CYS B 96 5.58 5.69 -14.63
C CYS B 96 4.10 5.91 -14.90
N ALA B 97 3.78 7.05 -15.49
CA ALA B 97 2.42 7.33 -15.90
C ALA B 97 2.41 7.91 -17.29
N ARG B 98 1.37 7.59 -18.05
CA ARG B 98 1.16 8.26 -19.33
C ARG B 98 0.78 9.73 -19.12
N LEU B 99 1.43 10.62 -19.87
CA LEU B 99 1.11 12.04 -19.79
C LEU B 99 0.26 12.44 -21.00
N ILE B 100 -0.99 12.80 -20.75
CA ILE B 100 -1.87 13.21 -21.84
C ILE B 100 -2.10 14.72 -21.83
N TYR B 101 -2.15 15.30 -23.01
CA TYR B 101 -2.44 16.72 -23.15
C TYR B 101 -3.46 16.90 -24.26
N ASP B 102 -4.67 17.27 -23.89
CA ASP B 102 -5.78 17.28 -24.84
C ASP B 102 -5.99 18.64 -25.47
N GLY B 103 -5.00 19.52 -25.33
CA GLY B 103 -5.10 20.86 -25.89
C GLY B 103 -5.55 21.89 -24.86
N ASP B 104 -5.96 21.42 -23.70
CA ASP B 104 -6.37 22.31 -22.61
C ASP B 104 -5.67 21.96 -21.31
N TYR B 105 -5.67 20.69 -20.96
CA TYR B 105 -5.16 20.25 -19.67
C TYR B 105 -4.23 19.07 -19.79
N ILE B 106 -3.30 19.02 -18.85
CA ILE B 106 -2.23 18.04 -18.85
C ILE B 106 -2.35 17.18 -17.61
N SER B 107 -2.27 15.87 -17.76
CA SER B 107 -2.37 15.01 -16.58
C SER B 107 -1.85 13.59 -16.84
N SER B 108 -1.59 12.88 -15.75
CA SER B 108 -1.20 11.49 -15.80
C SER B 108 -2.44 10.61 -15.69
N ASP B 109 -2.97 10.16 -16.83
CA ASP B 109 -4.26 9.49 -16.80
C ASP B 109 -4.15 7.97 -16.60
N PHE B 110 -3.02 7.39 -16.97
CA PHE B 110 -2.82 5.96 -16.77
C PHE B 110 -1.46 5.68 -16.15
N TRP B 111 -1.46 4.85 -15.12
CA TRP B 111 -0.27 4.60 -14.29
C TRP B 111 0.22 3.15 -14.34
N GLY B 112 1.54 2.96 -14.30
CA GLY B 112 2.10 1.64 -14.08
C GLY B 112 1.81 1.17 -12.66
N GLN B 113 2.15 -0.08 -12.35
CA GLN B 113 1.78 -0.65 -11.05
C GLN B 113 2.80 -0.28 -9.97
N GLY B 114 3.91 0.31 -10.38
CA GLY B 114 4.95 0.73 -9.45
C GLY B 114 6.11 -0.27 -9.38
N THR B 115 7.30 0.23 -9.11
CA THR B 115 8.47 -0.63 -8.95
C THR B 115 9.19 -0.27 -7.66
N THR B 116 9.34 -1.24 -6.79
CA THR B 116 9.95 -0.99 -5.50
C THR B 116 11.43 -1.31 -5.51
N LEU B 117 12.22 -0.26 -5.30
CA LEU B 117 13.66 -0.35 -5.28
C LEU B 117 14.16 -0.20 -3.86
N THR B 118 15.03 -1.11 -3.44
CA THR B 118 15.73 -0.97 -2.18
C THR B 118 17.21 -0.83 -2.44
N VAL B 119 17.83 0.18 -1.83
CA VAL B 119 19.27 0.34 -1.90
C VAL B 119 19.86 -0.02 -0.53
N SER B 120 20.72 -1.04 -0.53
CA SER B 120 21.25 -1.54 0.73
C SER B 120 22.52 -2.36 0.54
N SER B 121 23.35 -2.32 1.57
CA SER B 121 24.56 -3.12 1.63
C SER B 121 24.24 -4.59 1.94
N ALA B 122 23.09 -4.82 2.57
CA ALA B 122 22.72 -6.16 3.03
C ALA B 122 22.28 -7.05 1.88
N SER B 123 22.53 -8.34 2.00
CA SER B 123 22.12 -9.29 0.97
C SER B 123 20.67 -9.70 1.19
N THR B 124 20.02 -10.16 0.13
CA THR B 124 18.61 -10.51 0.21
C THR B 124 18.42 -11.76 1.07
N LYS B 125 17.29 -11.82 1.78
CA LYS B 125 16.91 -13.03 2.51
C LYS B 125 15.46 -13.39 2.18
N GLY B 126 15.22 -14.65 1.79
CA GLY B 126 13.88 -15.08 1.48
C GLY B 126 13.10 -15.47 2.72
N PRO B 127 11.77 -15.31 2.67
CA PRO B 127 10.94 -15.55 3.87
C PRO B 127 10.78 -17.02 4.17
N SER B 128 10.54 -17.34 5.43
CA SER B 128 10.01 -18.64 5.77
C SER B 128 8.50 -18.47 5.90
N VAL B 129 7.76 -19.44 5.38
CA VAL B 129 6.31 -19.39 5.40
C VAL B 129 5.78 -20.49 6.32
N PHE B 130 5.02 -20.08 7.33
CA PHE B 130 4.42 -21.02 8.28
C PHE B 130 2.91 -20.85 8.32
N PRO B 131 2.20 -21.97 8.45
CA PRO B 131 0.75 -21.89 8.50
C PRO B 131 0.26 -21.33 9.81
N LEU B 132 -0.82 -20.55 9.75
CA LEU B 132 -1.63 -20.22 10.91
C LEU B 132 -2.89 -21.08 10.80
N ALA B 133 -2.86 -22.23 11.46
CA ALA B 133 -3.88 -23.24 11.28
C ALA B 133 -5.18 -22.87 11.99
N PRO B 134 -6.32 -23.09 11.31
CA PRO B 134 -7.62 -22.90 11.94
C PRO B 134 -7.87 -23.95 13.02
N SER B 135 -8.51 -23.55 14.10
CA SER B 135 -8.82 -24.47 15.19
C SER B 135 -10.03 -23.95 15.94
N SER B 136 -10.38 -24.61 17.03
CA SER B 136 -11.49 -24.16 17.86
C SER B 136 -11.20 -22.74 18.38
N LYS B 137 -9.92 -22.40 18.46
CA LYS B 137 -9.50 -21.12 18.99
C LYS B 137 -9.46 -20.03 17.92
N SER B 138 -9.76 -20.39 16.67
CA SER B 138 -9.88 -19.38 15.62
C SER B 138 -11.24 -19.48 14.92
N THR B 139 -12.21 -20.03 15.63
CA THR B 139 -13.54 -20.25 15.10
C THR B 139 -14.58 -19.41 15.85
N SER B 140 -15.50 -18.81 15.11
CA SER B 140 -16.63 -18.12 15.71
C SER B 140 -17.92 -18.51 15.00
N GLY B 141 -18.63 -19.48 15.58
CA GLY B 141 -19.83 -19.99 14.94
C GLY B 141 -19.52 -20.46 13.53
N GLY B 142 -20.07 -19.78 12.54
CA GLY B 142 -19.98 -20.24 11.17
C GLY B 142 -18.76 -19.75 10.43
N THR B 143 -17.91 -18.97 11.11
CA THR B 143 -16.70 -18.46 10.47
C THR B 143 -15.46 -18.94 11.21
N ALA B 144 -14.42 -19.25 10.44
CA ALA B 144 -13.12 -19.58 11.02
C ALA B 144 -12.07 -18.72 10.36
N ALA B 145 -11.04 -18.34 11.12
CA ALA B 145 -9.92 -17.63 10.56
C ALA B 145 -8.72 -18.56 10.42
N LEU B 146 -7.93 -18.32 9.39
CA LEU B 146 -6.71 -19.08 9.15
C LEU B 146 -5.76 -18.17 8.39
N GLY B 147 -4.49 -18.56 8.30
CA GLY B 147 -3.56 -17.70 7.58
C GLY B 147 -2.17 -18.26 7.38
N CYS B 148 -1.28 -17.36 6.99
CA CYS B 148 0.11 -17.66 6.75
C CYS B 148 0.98 -16.66 7.48
N LEU B 149 2.01 -17.15 8.14
CA LEU B 149 3.01 -16.24 8.71
C LEU B 149 4.21 -16.22 7.79
N VAL B 150 4.54 -15.02 7.30
CA VAL B 150 5.64 -14.85 6.36
C VAL B 150 6.79 -14.14 7.06
N LYS B 151 7.77 -14.91 7.49
CA LYS B 151 8.71 -14.41 8.48
C LYS B 151 10.15 -14.30 7.98
N ASP B 152 10.81 -13.21 8.38
CA ASP B 152 12.26 -13.05 8.25
C ASP B 152 12.74 -12.86 6.81
N TYR B 153 12.31 -11.78 6.16
CA TYR B 153 12.79 -11.53 4.80
C TYR B 153 13.31 -10.11 4.63
N PHE B 154 14.07 -9.93 3.56
CA PHE B 154 14.59 -8.62 3.17
C PHE B 154 15.03 -8.68 1.71
N PRO B 155 14.68 -7.64 0.94
CA PRO B 155 13.89 -6.49 1.39
C PRO B 155 12.42 -6.66 1.10
N GLU B 156 11.68 -5.56 1.22
CA GLU B 156 10.33 -5.47 0.66
C GLU B 156 10.40 -5.45 -0.88
N PRO B 157 9.32 -5.83 -1.57
CA PRO B 157 8.03 -6.31 -1.05
C PRO B 157 7.92 -7.82 -1.08
N VAL B 158 6.85 -8.35 -0.48
CA VAL B 158 6.50 -9.74 -0.69
C VAL B 158 5.04 -9.72 -1.12
N THR B 159 4.67 -10.56 -2.08
CA THR B 159 3.26 -10.63 -2.47
C THR B 159 2.67 -11.89 -1.90
N VAL B 160 1.47 -11.76 -1.36
CA VAL B 160 0.75 -12.90 -0.82
C VAL B 160 -0.62 -12.97 -1.46
N SER B 161 -0.99 -14.15 -1.93
CA SER B 161 -2.32 -14.38 -2.46
C SER B 161 -2.85 -15.71 -1.94
N TRP B 162 -4.17 -15.91 -2.06
CA TRP B 162 -4.77 -17.16 -1.59
C TRP B 162 -5.42 -17.95 -2.72
N ASN B 163 -5.10 -19.24 -2.78
CA ASN B 163 -5.66 -20.12 -3.79
C ASN B 163 -5.46 -19.51 -5.16
N SER B 164 -4.24 -19.04 -5.38
CA SER B 164 -3.83 -18.44 -6.64
C SER B 164 -4.74 -17.32 -7.08
N GLY B 165 -5.25 -16.56 -6.12
CA GLY B 165 -6.05 -15.39 -6.42
C GLY B 165 -7.55 -15.64 -6.36
N ALA B 166 -7.95 -16.90 -6.38
CA ALA B 166 -9.37 -17.26 -6.37
C ALA B 166 -10.08 -16.86 -5.08
N LEU B 167 -9.30 -16.62 -4.02
CA LEU B 167 -9.87 -16.26 -2.73
C LEU B 167 -9.42 -14.85 -2.33
N THR B 168 -10.37 -13.93 -2.25
CA THR B 168 -10.03 -12.53 -2.01
C THR B 168 -10.89 -11.95 -0.90
N SER B 169 -12.08 -12.48 -0.74
CA SER B 169 -12.99 -11.96 0.27
C SER B 169 -12.58 -12.45 1.65
N GLY B 170 -12.49 -11.51 2.59
CA GLY B 170 -12.19 -11.84 3.96
C GLY B 170 -10.70 -11.84 4.23
N VAL B 171 -9.93 -11.55 3.18
CA VAL B 171 -8.49 -11.57 3.29
C VAL B 171 -7.95 -10.26 3.88
N HIS B 172 -7.11 -10.39 4.90
CA HIS B 172 -6.35 -9.26 5.43
C HIS B 172 -4.88 -9.59 5.36
N THR B 173 -4.14 -8.87 4.51
CA THR B 173 -2.69 -9.01 4.53
C THR B 173 -2.12 -7.80 5.25
N PHE B 174 -1.44 -8.06 6.35
CA PHE B 174 -0.98 -6.99 7.23
C PHE B 174 0.30 -6.33 6.72
N PRO B 175 0.48 -5.05 7.04
CA PRO B 175 1.76 -4.40 6.76
C PRO B 175 2.92 -5.15 7.42
N ALA B 176 4.01 -5.26 6.68
CA ALA B 176 5.23 -5.84 7.21
C ALA B 176 5.72 -5.00 8.38
N VAL B 177 6.29 -5.64 9.40
CA VAL B 177 6.93 -4.88 10.48
C VAL B 177 8.38 -5.30 10.55
N LEU B 178 9.26 -4.37 10.91
CA LEU B 178 10.67 -4.67 11.17
C LEU B 178 10.85 -5.39 12.49
N GLN B 179 11.61 -6.46 12.46
CA GLN B 179 11.97 -7.13 13.70
C GLN B 179 13.33 -6.60 14.18
N SER B 180 13.70 -6.98 15.40
CA SER B 180 14.99 -6.59 15.97
C SER B 180 16.15 -7.02 15.08
N SER B 181 15.91 -8.07 14.31
CA SER B 181 16.95 -8.63 13.46
C SER B 181 17.21 -7.80 12.20
N GLY B 182 16.39 -6.78 11.97
CA GLY B 182 16.52 -5.96 10.77
C GLY B 182 15.80 -6.58 9.57
N LEU B 183 15.07 -7.65 9.83
CA LEU B 183 14.33 -8.34 8.80
C LEU B 183 12.84 -8.07 8.96
N TYR B 184 12.11 -8.14 7.85
CA TYR B 184 10.65 -7.98 7.88
C TYR B 184 9.93 -9.27 8.19
N SER B 185 8.72 -9.11 8.68
CA SER B 185 7.82 -10.22 8.87
C SER B 185 6.39 -9.71 8.71
N LEU B 186 5.53 -10.51 8.11
CA LEU B 186 4.12 -10.17 8.05
C LEU B 186 3.26 -11.41 8.12
N SER B 187 1.97 -11.23 8.34
CA SER B 187 1.03 -12.33 8.25
C SER B 187 -0.13 -11.96 7.34
N SER B 188 -0.71 -12.97 6.72
CA SER B 188 -1.92 -12.79 5.93
C SER B 188 -2.96 -13.74 6.49
N VAL B 189 -4.14 -13.20 6.78
CA VAL B 189 -5.22 -14.03 7.32
C VAL B 189 -6.47 -13.90 6.48
N VAL B 190 -7.29 -14.95 6.53
CA VAL B 190 -8.53 -14.95 5.81
C VAL B 190 -9.59 -15.61 6.68
N THR B 191 -10.80 -15.06 6.67
CA THR B 191 -11.91 -15.68 7.37
C THR B 191 -12.73 -16.44 6.34
N VAL B 192 -13.09 -17.67 6.68
CA VAL B 192 -13.82 -18.53 5.76
C VAL B 192 -14.92 -19.22 6.53
N PRO B 193 -15.83 -19.88 5.81
CA PRO B 193 -16.89 -20.69 6.42
C PRO B 193 -16.29 -21.87 7.18
N SER B 194 -16.71 -22.05 8.42
CA SER B 194 -16.23 -23.14 9.26
C SER B 194 -16.58 -24.49 8.65
N SER B 195 -17.70 -24.55 7.94
CA SER B 195 -18.15 -25.80 7.34
C SER B 195 -17.30 -26.17 6.14
N SER B 196 -16.43 -25.27 5.70
CA SER B 196 -15.58 -25.56 4.56
C SER B 196 -14.28 -26.23 4.99
N LEU B 197 -14.00 -26.17 6.29
CA LEU B 197 -12.73 -26.69 6.83
C LEU B 197 -12.63 -28.20 6.67
N GLY B 198 -11.58 -28.65 5.98
CA GLY B 198 -11.40 -30.06 5.69
C GLY B 198 -11.97 -30.45 4.34
N THR B 199 -12.56 -29.48 3.65
CA THR B 199 -13.16 -29.75 2.34
C THR B 199 -12.59 -28.77 1.31
N GLN B 200 -12.64 -27.50 1.63
CA GLN B 200 -12.03 -26.48 0.80
C GLN B 200 -10.54 -26.45 1.08
N THR B 201 -9.72 -26.64 0.05
CA THR B 201 -8.28 -26.48 0.23
C THR B 201 -7.92 -25.00 0.29
N TYR B 202 -7.08 -24.63 1.25
CA TYR B 202 -6.60 -23.26 1.35
C TYR B 202 -5.08 -23.23 1.25
N ILE B 203 -4.59 -22.46 0.30
CA ILE B 203 -3.16 -22.34 0.04
C ILE B 203 -2.81 -20.89 -0.10
N CYS B 204 -1.83 -20.41 0.68
CA CYS B 204 -1.36 -19.05 0.44
C CYS B 204 -0.17 -19.09 -0.50
N ASN B 205 -0.17 -18.22 -1.49
CA ASN B 205 0.90 -18.19 -2.45
C ASN B 205 1.80 -17.01 -2.16
N VAL B 206 3.02 -17.31 -1.77
CA VAL B 206 3.91 -16.24 -1.35
C VAL B 206 5.03 -16.10 -2.34
N ASN B 207 5.28 -14.86 -2.76
CA ASN B 207 6.32 -14.60 -3.74
C ASN B 207 7.24 -13.50 -3.26
N HIS B 208 8.52 -13.82 -3.13
CA HIS B 208 9.53 -12.84 -2.80
C HIS B 208 10.51 -12.77 -3.96
N LYS B 209 10.30 -11.81 -4.83
CA LYS B 209 11.02 -11.80 -6.09
C LYS B 209 12.49 -11.44 -5.90
N PRO B 210 12.80 -10.51 -4.98
CA PRO B 210 14.22 -10.17 -4.79
C PRO B 210 15.10 -11.36 -4.44
N SER B 211 14.55 -12.36 -3.75
CA SER B 211 15.32 -13.56 -3.45
C SER B 211 14.93 -14.74 -4.32
N ASN B 212 14.01 -14.50 -5.27
CA ASN B 212 13.46 -15.59 -6.08
C ASN B 212 12.87 -16.69 -5.21
N THR B 213 12.12 -16.31 -4.19
CA THR B 213 11.50 -17.29 -3.31
C THR B 213 10.00 -17.33 -3.57
N LYS B 214 9.54 -18.49 -4.04
CA LYS B 214 8.12 -18.75 -4.26
C LYS B 214 7.69 -19.90 -3.36
N VAL B 215 6.68 -19.67 -2.53
CA VAL B 215 6.16 -20.75 -1.70
C VAL B 215 4.63 -20.83 -1.77
N ASP B 216 4.12 -22.05 -1.95
CA ASP B 216 2.70 -22.31 -1.84
C ASP B 216 2.44 -23.19 -0.60
N LYS B 217 1.98 -22.57 0.48
CA LYS B 217 1.78 -23.28 1.73
C LYS B 217 0.30 -23.66 1.92
N LYS B 218 0.04 -24.96 2.01
CA LYS B 218 -1.30 -25.46 2.32
C LYS B 218 -1.55 -25.34 3.81
N VAL B 219 -2.66 -24.68 4.16
CA VAL B 219 -2.99 -24.44 5.55
C VAL B 219 -4.14 -25.36 5.95
N GLU B 220 -3.88 -26.23 6.92
CA GLU B 220 -4.87 -27.22 7.35
C GLU B 220 -5.20 -27.07 8.81
N PRO B 221 -6.37 -27.59 9.22
CA PRO B 221 -6.83 -27.50 10.60
C PRO B 221 -5.92 -28.19 11.61
N LYS B 222 -5.93 -27.69 12.84
CA LYS B 222 -5.11 -28.21 13.92
C LYS B 222 -5.99 -28.50 15.15
N SER B 223 -5.56 -29.42 16.00
CA SER B 223 -6.27 -29.72 17.25
C SER B 223 -5.89 -28.70 18.33
N CYS B 224 -6.87 -27.99 18.88
CA CYS B 224 -6.61 -26.98 19.91
C CYS B 224 -7.70 -26.92 20.96
N ASP C 1 10.09 27.13 -8.99
CA ASP C 1 9.11 26.05 -9.08
C ASP C 1 7.89 26.36 -8.24
N ILE C 2 6.72 25.93 -8.73
CA ILE C 2 5.49 26.10 -8.00
C ILE C 2 5.45 25.16 -6.80
N GLN C 3 5.09 25.70 -5.63
CA GLN C 3 4.95 24.86 -4.44
C GLN C 3 3.46 24.71 -4.13
N MET C 4 3.01 23.47 -3.96
CA MET C 4 1.62 23.19 -3.64
C MET C 4 1.44 22.89 -2.15
N THR C 5 0.52 23.61 -1.51
CA THR C 5 0.24 23.42 -0.10
C THR C 5 -1.14 22.83 0.13
N GLN C 6 -1.17 21.57 0.53
CA GLN C 6 -2.41 20.86 0.69
C GLN C 6 -2.86 20.89 2.15
N SER C 7 -4.17 20.93 2.37
CA SER C 7 -4.71 21.03 3.72
C SER C 7 -6.07 20.35 3.84
N PRO C 8 -6.30 19.58 4.91
CA PRO C 8 -5.39 19.27 6.02
C PRO C 8 -4.58 18.01 5.75
N ASP C 9 -3.72 17.61 6.67
CA ASP C 9 -2.91 16.41 6.47
C ASP C 9 -3.77 15.15 6.56
N SER C 10 -4.69 15.13 7.51
CA SER C 10 -5.59 13.99 7.64
C SER C 10 -6.97 14.47 8.02
N LEU C 11 -7.95 13.66 7.68
CA LEU C 11 -9.33 14.10 7.68
C LEU C 11 -10.22 12.90 7.97
N SER C 12 -11.17 13.08 8.86
CA SER C 12 -12.06 12.01 9.26
C SER C 12 -13.50 12.51 9.15
N ALA C 13 -14.39 11.72 8.56
CA ALA C 13 -15.80 12.13 8.45
C ALA C 13 -16.77 10.93 8.42
N SER C 14 -17.99 11.14 8.89
CA SER C 14 -19.02 10.10 8.87
C SER C 14 -19.53 9.84 7.45
N VAL C 15 -20.03 8.64 7.21
CA VAL C 15 -20.63 8.32 5.92
C VAL C 15 -21.80 9.25 5.61
N GLY C 16 -21.91 9.67 4.36
CA GLY C 16 -22.98 10.56 3.94
C GLY C 16 -22.63 12.03 4.08
N GLU C 17 -21.63 12.32 4.90
CA GLU C 17 -21.17 13.68 5.17
C GLU C 17 -20.40 14.26 3.97
N THR C 18 -20.44 15.58 3.79
CA THR C 18 -19.63 16.22 2.75
C THR C 18 -18.24 16.57 3.29
N VAL C 19 -17.23 16.33 2.47
CA VAL C 19 -15.83 16.53 2.84
C VAL C 19 -15.15 17.53 1.90
N THR C 20 -14.27 18.37 2.42
CA THR C 20 -13.51 19.29 1.57
C THR C 20 -12.01 19.32 1.85
N ILE C 21 -11.24 19.07 0.79
CA ILE C 21 -9.78 19.14 0.82
C ILE C 21 -9.34 20.32 -0.03
N THR C 22 -8.36 21.08 0.45
CA THR C 22 -7.92 22.26 -0.29
C THR C 22 -6.43 22.22 -0.63
N CYS C 23 -6.09 22.97 -1.67
CA CYS C 23 -4.73 23.08 -2.16
C CYS C 23 -4.47 24.54 -2.46
N GLY C 24 -3.34 25.06 -2.00
CA GLY C 24 -2.95 26.43 -2.31
C GLY C 24 -1.70 26.42 -3.17
N ALA C 25 -1.79 27.05 -4.33
CA ALA C 25 -0.62 27.22 -5.20
C ALA C 25 0.19 28.46 -4.79
N SER C 26 1.51 28.34 -4.81
CA SER C 26 2.41 29.44 -4.44
C SER C 26 2.30 30.61 -5.40
N GLU C 27 1.80 30.32 -6.60
CA GLU C 27 1.52 31.35 -7.59
C GLU C 27 0.26 30.95 -8.36
N ASN C 28 -0.28 31.88 -9.14
CA ASN C 28 -1.43 31.58 -9.99
C ASN C 28 -1.05 30.48 -11.00
N ILE C 29 -1.79 29.37 -10.98
CA ILE C 29 -1.54 28.31 -11.97
C ILE C 29 -2.72 28.14 -12.95
N TYR C 30 -3.56 29.16 -13.04
CA TYR C 30 -4.49 29.29 -14.15
C TYR C 30 -5.40 28.09 -14.39
N GLY C 31 -5.85 27.47 -13.30
CA GLY C 31 -6.79 26.38 -13.39
C GLY C 31 -6.19 25.05 -13.84
N ALA C 32 -4.88 25.00 -14.03
CA ALA C 32 -4.23 23.76 -14.42
C ALA C 32 -3.82 22.95 -13.19
N LEU C 33 -4.78 22.24 -12.64
CA LEU C 33 -4.58 21.54 -11.38
C LEU C 33 -5.26 20.18 -11.47
N ASN C 34 -4.55 19.12 -11.10
CA ASN C 34 -5.10 17.78 -11.05
C ASN C 34 -5.27 17.30 -9.61
N TRP C 35 -6.23 16.41 -9.39
CA TRP C 35 -6.31 15.67 -8.13
C TRP C 35 -6.19 14.20 -8.44
N TYR C 36 -5.38 13.50 -7.64
CA TYR C 36 -5.26 12.05 -7.74
C TYR C 36 -5.72 11.40 -6.45
N GLN C 37 -6.37 10.26 -6.58
CA GLN C 37 -6.76 9.45 -5.44
C GLN C 37 -5.84 8.23 -5.34
N ARG C 38 -5.31 7.97 -4.17
CA ARG C 38 -4.42 6.84 -3.95
CA ARG C 38 -4.44 6.82 -3.98
C ARG C 38 -4.98 5.89 -2.89
N LYS C 39 -5.60 4.80 -3.33
CA LYS C 39 -6.11 3.81 -2.40
C LYS C 39 -4.98 2.92 -1.94
N GLN C 40 -5.08 2.39 -0.73
CA GLN C 40 -4.00 1.60 -0.15
C GLN C 40 -3.62 0.42 -1.05
N GLY C 41 -2.32 0.29 -1.30
CA GLY C 41 -1.80 -0.79 -2.12
C GLY C 41 -2.09 -0.68 -3.62
N LYS C 42 -2.58 0.48 -4.05
CA LYS C 42 -2.85 0.68 -5.48
C LYS C 42 -2.09 1.88 -6.04
N SER C 43 -2.06 2.00 -7.36
CA SER C 43 -1.43 3.15 -8.01
C SER C 43 -2.33 4.39 -7.89
N PRO C 44 -1.72 5.58 -7.83
CA PRO C 44 -2.54 6.79 -7.91
C PRO C 44 -3.47 6.72 -9.12
N GLN C 45 -4.64 7.31 -9.00
CA GLN C 45 -5.58 7.34 -10.10
C GLN C 45 -6.00 8.80 -10.35
N LEU C 46 -6.08 9.21 -11.61
CA LEU C 46 -6.54 10.56 -11.91
C LEU C 46 -7.97 10.73 -11.44
N LEU C 47 -8.22 11.79 -10.68
CA LEU C 47 -9.54 12.02 -10.12
C LEU C 47 -10.17 13.26 -10.74
N ILE C 48 -9.45 14.37 -10.67
CA ILE C 48 -9.91 15.63 -11.27
C ILE C 48 -8.81 16.20 -12.15
N TYR C 49 -9.16 16.69 -13.33
CA TYR C 49 -8.22 17.43 -14.15
C TYR C 49 -8.76 18.80 -14.47
N GLY C 50 -7.87 19.73 -14.79
CA GLY C 50 -8.26 21.12 -15.03
C GLY C 50 -9.08 21.70 -13.88
N ALA C 51 -8.71 21.35 -12.65
CA ALA C 51 -9.29 21.95 -11.45
C ALA C 51 -10.71 21.50 -11.15
N THR C 52 -11.54 21.37 -12.18
CA THR C 52 -12.98 21.17 -12.00
C THR C 52 -13.57 20.00 -12.80
N ASN C 53 -12.75 19.32 -13.59
CA ASN C 53 -13.26 18.28 -14.49
C ASN C 53 -13.09 16.86 -13.95
N LEU C 54 -14.20 16.13 -13.87
CA LEU C 54 -14.20 14.76 -13.38
C LEU C 54 -13.57 13.80 -14.37
N ALA C 55 -12.56 13.06 -13.91
CA ALA C 55 -11.88 12.10 -14.78
C ALA C 55 -12.78 10.91 -15.09
N ASP C 56 -12.48 10.23 -16.19
CA ASP C 56 -13.30 9.12 -16.65
C ASP C 56 -13.40 8.00 -15.62
N GLY C 57 -14.62 7.53 -15.38
CA GLY C 57 -14.85 6.40 -14.51
C GLY C 57 -14.70 6.68 -13.02
N MET C 58 -14.76 7.95 -12.63
CA MET C 58 -14.71 8.30 -11.22
C MET C 58 -16.08 8.81 -10.79
N SER C 59 -16.39 8.66 -9.49
CA SER C 59 -17.73 8.97 -8.99
C SER C 59 -18.10 10.44 -9.11
N SER C 60 -19.32 10.68 -9.56
CA SER C 60 -19.88 12.03 -9.64
C SER C 60 -20.03 12.69 -8.27
N ARG C 61 -19.73 11.96 -7.19
CA ARG C 61 -19.77 12.54 -5.85
C ARG C 61 -18.57 13.44 -5.62
N PHE C 62 -17.59 13.31 -6.51
CA PHE C 62 -16.39 14.14 -6.47
C PHE C 62 -16.55 15.33 -7.40
N SER C 63 -16.20 16.51 -6.91
CA SER C 63 -16.15 17.71 -7.73
C SER C 63 -14.99 18.60 -7.29
N GLY C 64 -14.65 19.58 -8.11
CA GLY C 64 -13.56 20.47 -7.80
C GLY C 64 -13.96 21.92 -8.02
N SER C 65 -13.38 22.82 -7.26
CA SER C 65 -13.63 24.24 -7.46
C SER C 65 -12.34 25.03 -7.29
N ARG C 66 -12.38 26.30 -7.67
CA ARG C 66 -11.23 27.17 -7.53
C ARG C 66 -11.63 28.56 -7.04
N SER C 67 -10.80 29.12 -6.17
CA SER C 67 -10.97 30.50 -5.72
C SER C 67 -9.60 31.16 -5.67
N GLY C 68 -9.29 31.95 -6.70
CA GLY C 68 -7.98 32.55 -6.81
C GLY C 68 -6.91 31.49 -6.93
N ARG C 69 -6.07 31.38 -5.91
CA ARG C 69 -5.00 30.38 -5.93
C ARG C 69 -5.35 29.22 -5.00
N GLN C 70 -6.61 29.15 -4.57
CA GLN C 70 -7.10 28.07 -3.71
C GLN C 70 -7.94 27.07 -4.48
N TYR C 71 -7.50 25.82 -4.49
CA TYR C 71 -8.24 24.78 -5.19
C TYR C 71 -8.84 23.79 -4.20
N SER C 72 -10.08 23.39 -4.46
CA SER C 72 -10.82 22.54 -3.53
C SER C 72 -11.29 21.25 -4.19
N LEU C 73 -11.10 20.15 -3.47
CA LEU C 73 -11.70 18.87 -3.83
C LEU C 73 -12.84 18.61 -2.88
N LYS C 74 -14.02 18.32 -3.43
CA LYS C 74 -15.19 18.14 -2.60
C LYS C 74 -15.83 16.79 -2.85
N ILE C 75 -16.25 16.13 -1.78
CA ILE C 75 -17.04 14.91 -1.87
C ILE C 75 -18.42 15.19 -1.31
N SER C 76 -19.43 15.12 -2.17
CA SER C 76 -20.77 15.57 -1.80
C SER C 76 -21.36 14.69 -0.69
N SER C 77 -20.97 13.43 -0.69
CA SER C 77 -21.51 12.46 0.25
C SER C 77 -20.52 11.33 0.41
N LEU C 78 -19.86 11.27 1.56
CA LEU C 78 -18.77 10.32 1.78
C LEU C 78 -19.26 8.88 1.81
N HIS C 79 -18.54 8.01 1.09
CA HIS C 79 -18.79 6.58 1.15
C HIS C 79 -17.56 5.90 1.69
N PRO C 80 -17.72 4.71 2.28
CA PRO C 80 -16.60 4.01 2.90
C PRO C 80 -15.44 3.74 1.93
N ASP C 81 -15.73 3.56 0.65
CA ASP C 81 -14.66 3.23 -0.32
C ASP C 81 -13.86 4.47 -0.72
N ASP C 82 -14.25 5.63 -0.19
CA ASP C 82 -13.52 6.86 -0.48
C ASP C 82 -12.27 6.99 0.38
N VAL C 83 -12.07 6.08 1.32
CA VAL C 83 -10.87 6.16 2.17
C VAL C 83 -9.62 5.97 1.31
N ALA C 84 -8.68 6.88 1.45
CA ALA C 84 -7.57 6.99 0.53
C ALA C 84 -6.75 8.23 0.86
N THR C 85 -5.59 8.34 0.22
CA THR C 85 -4.79 9.55 0.27
C THR C 85 -5.03 10.30 -1.04
N TYR C 86 -5.32 11.60 -0.94
CA TYR C 86 -5.60 12.43 -2.10
C TYR C 86 -4.46 13.42 -2.32
N TYR C 87 -4.05 13.56 -3.58
CA TYR C 87 -2.96 14.45 -3.93
C TYR C 87 -3.40 15.47 -4.97
N CYS C 88 -3.08 16.73 -4.74
CA CYS C 88 -3.26 17.72 -5.81
C CYS C 88 -1.95 17.81 -6.58
N GLN C 89 -2.00 18.35 -7.79
CA GLN C 89 -0.80 18.49 -8.58
C GLN C 89 -0.83 19.73 -9.47
N ASN C 90 0.24 20.51 -9.40
CA ASN C 90 0.46 21.57 -10.38
C ASN C 90 0.57 20.94 -11.76
N ALA C 91 -0.32 21.34 -12.68
CA ALA C 91 -0.24 20.77 -14.02
C ALA C 91 -0.08 21.85 -15.10
N LEU C 92 0.38 23.04 -14.71
CA LEU C 92 0.56 24.15 -15.65
C LEU C 92 1.91 24.06 -16.35
N SER C 93 2.97 24.17 -15.56
CA SER C 93 4.34 24.12 -16.08
C SER C 93 5.17 23.10 -15.30
N MET C 94 6.09 22.43 -16.00
CA MET C 94 6.98 21.47 -15.35
C MET C 94 7.95 22.23 -14.45
N PRO C 95 8.29 21.66 -13.28
CA PRO C 95 7.87 20.34 -12.79
C PRO C 95 6.45 20.31 -12.23
N TYR C 96 5.70 19.27 -12.57
CA TYR C 96 4.33 19.13 -12.11
C TYR C 96 4.30 18.64 -10.67
N THR C 97 4.61 19.55 -9.75
CA THR C 97 4.81 19.21 -8.35
C THR C 97 3.50 18.84 -7.65
N PHE C 98 3.57 17.83 -6.78
CA PHE C 98 2.42 17.40 -5.98
C PHE C 98 2.32 18.13 -4.65
N GLY C 99 1.12 18.21 -4.09
CA GLY C 99 0.95 18.62 -2.71
C GLY C 99 1.35 17.48 -1.78
N GLY C 100 1.39 17.76 -0.48
CA GLY C 100 1.86 16.78 0.49
C GLY C 100 0.92 15.61 0.69
N GLY C 101 -0.31 15.72 0.17
CA GLY C 101 -1.28 14.66 0.31
C GLY C 101 -2.18 14.79 1.54
N THR C 102 -3.34 14.15 1.46
CA THR C 102 -4.32 14.21 2.54
C THR C 102 -4.89 12.82 2.77
N ASN C 103 -4.73 12.29 3.98
CA ASN C 103 -5.32 10.99 4.32
C ASN C 103 -6.78 11.16 4.71
N LEU C 104 -7.68 10.54 3.96
CA LEU C 104 -9.09 10.56 4.30
C LEU C 104 -9.50 9.26 4.96
N GLU C 105 -10.07 9.35 6.16
CA GLU C 105 -10.61 8.18 6.85
C GLU C 105 -12.08 8.37 7.18
N THR C 106 -12.78 7.26 7.44
CA THR C 106 -14.18 7.28 7.78
C THR C 106 -14.39 7.22 9.28
N LYS C 107 -15.36 7.97 9.78
CA LYS C 107 -15.87 7.76 11.13
C LYS C 107 -17.04 6.80 11.05
N ARG C 108 -17.07 5.82 11.94
CA ARG C 108 -18.21 4.92 12.04
C ARG C 108 -18.46 4.58 13.50
N THR C 109 -19.52 3.82 13.77
CA THR C 109 -19.83 3.45 15.13
C THR C 109 -18.81 2.47 15.68
N VAL C 110 -18.67 2.45 17.00
CA VAL C 110 -17.78 1.52 17.66
C VAL C 110 -18.11 0.08 17.26
N ALA C 111 -17.08 -0.72 17.04
CA ALA C 111 -17.26 -2.12 16.69
C ALA C 111 -16.23 -2.97 17.43
N ALA C 112 -16.71 -3.97 18.16
CA ALA C 112 -15.85 -4.85 18.94
C ALA C 112 -15.11 -5.82 18.02
N PRO C 113 -13.82 -6.08 18.32
CA PRO C 113 -13.04 -7.01 17.52
C PRO C 113 -13.46 -8.43 17.80
N SER C 114 -13.35 -9.30 16.80
CA SER C 114 -13.40 -10.74 17.04
C SER C 114 -11.97 -11.18 17.33
N VAL C 115 -11.76 -11.91 18.42
CA VAL C 115 -10.40 -12.27 18.78
C VAL C 115 -10.13 -13.75 18.51
N PHE C 116 -9.05 -14.00 17.79
CA PHE C 116 -8.64 -15.36 17.47
C PHE C 116 -7.18 -15.55 17.83
N ILE C 117 -6.78 -16.78 18.11
CA ILE C 117 -5.38 -17.02 18.41
C ILE C 117 -4.84 -18.24 17.67
N PHE C 118 -3.57 -18.17 17.27
CA PHE C 118 -2.91 -19.27 16.59
C PHE C 118 -1.62 -19.67 17.28
N PRO C 119 -1.50 -20.96 17.62
CA PRO C 119 -0.25 -21.45 18.19
C PRO C 119 0.78 -21.58 17.08
N PRO C 120 2.06 -21.67 17.43
CA PRO C 120 3.10 -21.79 16.39
C PRO C 120 2.92 -23.09 15.63
N SER C 121 3.38 -23.16 14.38
CA SER C 121 3.28 -24.41 13.64
C SER C 121 4.40 -25.37 14.03
N ASP C 122 4.20 -26.64 13.72
CA ASP C 122 5.23 -27.64 13.95
C ASP C 122 6.46 -27.31 13.12
N GLU C 123 6.22 -26.84 11.89
CA GLU C 123 7.32 -26.55 10.98
C GLU C 123 8.23 -25.50 11.59
N GLN C 124 7.64 -24.46 12.19
CA GLN C 124 8.45 -23.43 12.81
C GLN C 124 9.19 -23.95 14.03
N LEU C 125 8.49 -24.68 14.88
CA LEU C 125 9.07 -25.23 16.11
C LEU C 125 10.31 -26.06 15.81
N LYS C 126 10.27 -26.82 14.70
CA LYS C 126 11.42 -27.60 14.26
C LYS C 126 12.63 -26.72 13.99
N SER C 127 12.38 -25.45 13.70
CA SER C 127 13.45 -24.53 13.37
C SER C 127 13.99 -23.83 14.62
N GLY C 128 13.41 -24.15 15.78
CA GLY C 128 13.87 -23.60 17.04
C GLY C 128 13.13 -22.39 17.58
N THR C 129 12.19 -21.86 16.80
CA THR C 129 11.44 -20.69 17.24
C THR C 129 9.94 -20.95 17.37
N ALA C 130 9.28 -20.16 18.20
CA ALA C 130 7.85 -20.26 18.38
C ALA C 130 7.20 -18.89 18.24
N SER C 131 6.36 -18.73 17.21
CA SER C 131 5.59 -17.50 17.03
C SER C 131 4.12 -17.77 17.33
N VAL C 132 3.58 -17.00 18.28
CA VAL C 132 2.16 -17.09 18.62
C VAL C 132 1.46 -15.87 18.10
N VAL C 133 0.31 -16.08 17.46
CA VAL C 133 -0.36 -14.98 16.80
C VAL C 133 -1.78 -14.76 17.31
N CYS C 134 -2.05 -13.52 17.66
CA CYS C 134 -3.35 -13.07 18.13
C CYS C 134 -3.92 -12.16 17.06
N LEU C 135 -5.12 -12.47 16.62
CA LEU C 135 -5.76 -11.70 15.55
C LEU C 135 -7.00 -11.01 16.07
N LEU C 136 -7.04 -9.69 15.90
CA LEU C 136 -8.21 -8.88 16.21
C LEU C 136 -8.86 -8.46 14.91
N ASN C 137 -10.07 -8.96 14.66
CA ASN C 137 -10.70 -8.74 13.36
C ASN C 137 -11.87 -7.75 13.38
N ASN C 138 -11.83 -6.80 12.44
CA ASN C 138 -12.96 -5.92 12.13
C ASN C 138 -13.48 -5.09 13.31
N PHE C 139 -12.69 -4.14 13.76
CA PHE C 139 -13.09 -3.35 14.91
C PHE C 139 -12.93 -1.87 14.62
N TYR C 140 -13.56 -1.05 15.46
CA TYR C 140 -13.46 0.39 15.37
C TYR C 140 -13.73 0.95 16.75
N PRO C 141 -12.94 1.95 17.19
CA PRO C 141 -11.83 2.62 16.50
C PRO C 141 -10.54 1.82 16.50
N ARG C 142 -9.50 2.38 15.86
CA ARG C 142 -8.24 1.69 15.65
C ARG C 142 -7.52 1.38 16.97
N GLU C 143 -7.66 2.27 17.93
CA GLU C 143 -6.96 2.12 19.21
C GLU C 143 -7.37 0.83 19.90
N ALA C 144 -6.39 0.00 20.19
CA ALA C 144 -6.64 -1.24 20.91
C ALA C 144 -5.41 -1.61 21.72
N LYS C 145 -5.63 -2.13 22.93
CA LYS C 145 -4.53 -2.64 23.73
C LYS C 145 -4.54 -4.16 23.71
N VAL C 146 -3.42 -4.73 23.28
CA VAL C 146 -3.25 -6.18 23.29
C VAL C 146 -2.12 -6.57 24.23
N GLN C 147 -2.43 -7.41 25.20
CA GLN C 147 -1.39 -7.89 26.11
C GLN C 147 -1.27 -9.41 26.13
N TRP C 148 -0.04 -9.88 26.16
CA TRP C 148 0.25 -11.30 26.25
C TRP C 148 0.54 -11.75 27.68
N LYS C 149 0.03 -12.92 28.02
CA LYS C 149 0.30 -13.52 29.32
C LYS C 149 0.65 -14.98 29.12
N VAL C 150 1.82 -15.35 29.64
CA VAL C 150 2.26 -16.74 29.60
C VAL C 150 2.23 -17.30 31.01
N ASP C 151 1.42 -18.33 31.22
CA ASP C 151 1.11 -18.84 32.57
C ASP C 151 0.80 -17.67 33.49
N ASN C 152 0.02 -16.75 32.95
CA ASN C 152 -0.53 -15.61 33.68
C ASN C 152 0.52 -14.54 33.99
N ALA C 153 1.72 -14.72 33.44
CA ALA C 153 2.77 -13.72 33.60
C ALA C 153 2.78 -12.78 32.39
N LEU C 154 2.56 -11.50 32.68
CA LEU C 154 2.47 -10.50 31.62
C LEU C 154 3.79 -10.35 30.88
N GLN C 155 3.72 -10.37 29.56
CA GLN C 155 4.89 -10.27 28.70
C GLN C 155 5.21 -8.84 28.34
N SER C 156 6.46 -8.60 27.99
CA SER C 156 6.94 -7.27 27.65
C SER C 156 8.18 -7.40 26.78
N GLY C 157 8.21 -6.65 25.68
CA GLY C 157 9.37 -6.63 24.80
C GLY C 157 9.44 -7.73 23.74
N ASN C 158 8.59 -8.74 23.84
CA ASN C 158 8.70 -9.89 22.93
C ASN C 158 7.52 -10.06 21.96
N SER C 159 6.79 -8.97 21.73
CA SER C 159 5.68 -9.02 20.79
C SER C 159 5.71 -7.83 19.85
N GLN C 160 5.07 -7.97 18.69
CA GLN C 160 4.96 -6.89 17.72
C GLN C 160 3.58 -6.84 17.08
N GLU C 161 3.07 -5.64 16.86
CA GLU C 161 1.74 -5.45 16.28
C GLU C 161 1.80 -4.90 14.88
N SER C 162 0.79 -5.25 14.10
CA SER C 162 0.60 -4.63 12.80
C SER C 162 -0.89 -4.46 12.61
N VAL C 163 -1.29 -3.30 12.08
CA VAL C 163 -2.69 -3.01 11.86
C VAL C 163 -2.94 -2.67 10.40
N THR C 164 -4.07 -3.11 9.86
CA THR C 164 -4.39 -2.85 8.48
C THR C 164 -4.83 -1.40 8.28
N GLU C 165 -4.92 -0.99 7.02
CA GLU C 165 -5.56 0.26 6.67
C GLU C 165 -7.06 0.07 6.80
N GLN C 166 -7.79 1.17 6.96
CA GLN C 166 -9.23 1.09 7.15
C GLN C 166 -9.91 0.39 5.98
N ASP C 167 -10.86 -0.49 6.29
CA ASP C 167 -11.52 -1.27 5.27
C ASP C 167 -12.45 -0.42 4.39
N SER C 168 -12.41 -0.67 3.08
CA SER C 168 -13.16 0.11 2.10
CA SER C 168 -13.17 0.15 2.14
C SER C 168 -14.65 -0.19 2.13
N LYS C 169 -15.04 -1.29 2.78
CA LYS C 169 -16.47 -1.63 2.85
C LYS C 169 -17.12 -1.33 4.21
N ASP C 170 -16.53 -1.76 5.32
CA ASP C 170 -17.17 -1.55 6.62
C ASP C 170 -16.42 -0.57 7.54
N SER C 171 -15.29 -0.04 7.06
CA SER C 171 -14.55 1.04 7.75
C SER C 171 -13.91 0.56 9.05
N THR C 172 -13.67 -0.74 9.14
CA THR C 172 -13.04 -1.30 10.32
C THR C 172 -11.56 -1.52 10.13
N TYR C 173 -10.89 -1.88 11.22
CA TYR C 173 -9.48 -2.26 11.17
C TYR C 173 -9.32 -3.71 11.63
N SER C 174 -8.16 -4.27 11.35
CA SER C 174 -7.79 -5.54 11.96
C SER C 174 -6.37 -5.40 12.44
N LEU C 175 -6.00 -6.22 13.41
CA LEU C 175 -4.69 -6.11 14.01
C LEU C 175 -4.16 -7.50 14.31
N SER C 176 -2.88 -7.72 14.03
CA SER C 176 -2.21 -8.93 14.46
C SER C 176 -1.14 -8.59 15.48
N SER C 177 -1.13 -9.34 16.58
CA SER C 177 -0.04 -9.26 17.53
C SER C 177 0.71 -10.59 17.52
N THR C 178 2.01 -10.53 17.27
CA THR C 178 2.82 -11.73 17.22
C THR C 178 3.79 -11.79 18.40
N LEU C 179 3.65 -12.83 19.21
CA LEU C 179 4.54 -13.09 20.32
C LEU C 179 5.60 -14.11 19.92
N THR C 180 6.87 -13.78 20.07
CA THR C 180 7.94 -14.67 19.62
C THR C 180 8.84 -15.14 20.76
N LEU C 181 8.95 -16.44 20.89
CA LEU C 181 9.75 -17.07 21.93
C LEU C 181 10.68 -18.08 21.29
N SER C 182 11.76 -18.41 21.98
CA SER C 182 12.53 -19.58 21.58
C SER C 182 11.67 -20.81 21.82
N LYS C 183 11.89 -21.86 21.04
CA LYS C 183 11.21 -23.13 21.25
C LYS C 183 11.39 -23.59 22.70
N ALA C 184 12.60 -23.39 23.22
CA ALA C 184 12.93 -23.78 24.59
C ALA C 184 12.02 -23.08 25.59
N ASP C 185 11.89 -21.77 25.47
CA ASP C 185 11.04 -20.99 26.38
C ASP C 185 9.58 -21.36 26.20
N TYR C 186 9.18 -21.55 24.94
CA TYR C 186 7.80 -21.90 24.63
C TYR C 186 7.38 -23.17 25.36
N GLU C 187 8.24 -24.18 25.35
CA GLU C 187 7.86 -25.48 25.91
C GLU C 187 7.94 -25.52 27.43
N LYS C 188 8.51 -24.48 28.04
CA LYS C 188 8.54 -24.42 29.49
C LYS C 188 7.24 -23.86 30.09
N HIS C 189 6.26 -23.54 29.25
CA HIS C 189 5.01 -22.97 29.75
C HIS C 189 3.77 -23.64 29.16
N LYS C 190 2.63 -23.46 29.82
CA LYS C 190 1.40 -24.11 29.36
C LYS C 190 0.43 -23.14 28.70
N VAL C 191 0.03 -22.10 29.42
CA VAL C 191 -1.08 -21.28 28.97
C VAL C 191 -0.63 -20.01 28.26
N TYR C 192 -1.00 -19.90 26.99
CA TYR C 192 -0.70 -18.72 26.20
C TYR C 192 -1.99 -17.94 25.95
N ALA C 193 -1.96 -16.65 26.27
CA ALA C 193 -3.16 -15.83 26.24
C ALA C 193 -2.87 -14.43 25.74
N CYS C 194 -3.77 -13.88 24.93
CA CYS C 194 -3.72 -12.45 24.69
C CYS C 194 -5.01 -11.84 25.23
N GLU C 195 -4.85 -10.70 25.90
CA GLU C 195 -5.95 -10.02 26.54
C GLU C 195 -6.16 -8.75 25.76
N VAL C 196 -7.41 -8.54 25.33
CA VAL C 196 -7.72 -7.43 24.47
C VAL C 196 -8.62 -6.44 25.19
N THR C 197 -8.22 -5.17 25.10
CA THR C 197 -8.96 -4.08 25.68
C THR C 197 -9.35 -3.16 24.55
N HIS C 198 -10.63 -2.83 24.47
CA HIS C 198 -11.11 -2.02 23.35
C HIS C 198 -12.40 -1.32 23.69
N GLN C 199 -12.64 -0.20 23.00
CA GLN C 199 -13.83 0.61 23.21
C GLN C 199 -15.14 -0.20 23.12
N GLY C 200 -15.19 -1.14 22.19
CA GLY C 200 -16.39 -1.93 21.96
C GLY C 200 -16.60 -3.05 22.96
N LEU C 201 -15.65 -3.20 23.89
CA LEU C 201 -15.73 -4.28 24.87
C LEU C 201 -16.01 -3.70 26.26
N SER C 202 -17.06 -4.19 26.92
CA SER C 202 -17.41 -3.71 28.26
C SER C 202 -16.30 -4.06 29.25
N SER C 203 -15.71 -5.24 29.09
CA SER C 203 -14.51 -5.61 29.84
C SER C 203 -13.55 -6.35 28.91
N PRO C 204 -12.25 -6.36 29.29
CA PRO C 204 -11.20 -6.96 28.45
C PRO C 204 -11.44 -8.42 28.15
N VAL C 205 -11.13 -8.82 26.93
CA VAL C 205 -11.37 -10.18 26.47
C VAL C 205 -10.08 -11.00 26.43
N THR C 206 -10.17 -12.25 26.85
CA THR C 206 -9.01 -13.14 26.79
C THR C 206 -9.23 -14.29 25.81
N LYS C 207 -8.25 -14.47 24.91
CA LYS C 207 -8.18 -15.65 24.07
C LYS C 207 -6.92 -16.40 24.43
N SER C 208 -7.07 -17.68 24.75
CA SER C 208 -5.94 -18.45 25.25
C SER C 208 -6.01 -19.89 24.81
N PHE C 209 -4.86 -20.57 24.84
CA PHE C 209 -4.82 -22.00 24.62
C PHE C 209 -3.79 -22.62 25.54
N ASN C 210 -3.88 -23.94 25.72
CA ASN C 210 -2.88 -24.69 26.44
C ASN C 210 -1.94 -25.38 25.47
N ARG C 211 -0.64 -25.12 25.60
CA ARG C 211 0.33 -25.88 24.84
C ARG C 211 0.18 -27.33 25.26
N GLY C 212 0.55 -28.26 24.38
CA GLY C 212 0.37 -29.67 24.68
C GLY C 212 -0.98 -30.15 24.21
N GLU C 213 -1.94 -29.23 24.16
CA GLU C 213 -3.20 -29.46 23.49
C GLU C 213 -3.12 -28.82 22.11
N CYS C 214 -2.33 -27.75 22.04
CA CYS C 214 -2.08 -27.04 20.79
C CYS C 214 -0.62 -27.13 20.40
#